data_2YDV
#
_entry.id   2YDV
#
_cell.length_a   76.936
_cell.length_b   99.551
_cell.length_c   79.655
_cell.angle_alpha   90.00
_cell.angle_beta   93.31
_cell.angle_gamma   90.00
#
_symmetry.space_group_name_H-M   'C 1 2 1'
#
loop_
_entity.id
_entity.type
_entity.pdbx_description
1 polymer 'ADENOSINE RECEPTOR A2A'
2 non-polymer "N-ETHYL-5'-CARBOXAMIDO ADENOSINE"
3 non-polymer 'octyl 1-thio-beta-D-glucopyranoside'
4 water water
#
_entity_poly.entity_id   1
_entity_poly.type   'polypeptide(L)'
_entity_poly.pdbx_seq_one_letter_code
;MPIMGSSVYITVELAIAVLAILGNVLVCWAVWLNSNLQNVTNYFVVSAAAADILVGVLAIPFAIAISTGFCAACHGCLFI
ACFVLVLTASSIFSLLAIAIDRYIAIRIPLRYNGLVTGTRAKGIIAICWVLSFAIGLTPMLGWNNCGQPKEGKAHSQGCG
EGQVACLFEDVVPMNYMVYFNFFACVLVPLLLMLGVYLRIFLAARRQLKQMESQPLPGERARSTLQKEVHAAKSLAIIVG
LFALCWLPLHIINCFTFFCPDCSHAPLWLMYLAIVLSHTNSVVNPFIYAYRIREFRQTFRKIIRSHVLRQQEPFKAAAAE
NLYFQ
;
_entity_poly.pdbx_strand_id   A
#
# COMPACT_ATOMS: atom_id res chain seq x y z
N ILE A 3 3.86 6.42 26.50
CA ILE A 3 4.66 6.84 25.30
C ILE A 3 5.80 5.86 24.99
N MET A 4 6.25 5.11 26.00
CA MET A 4 7.31 4.10 25.87
C MET A 4 7.22 3.30 24.56
N GLY A 5 6.03 2.77 24.28
CA GLY A 5 5.78 1.98 23.07
C GLY A 5 5.52 0.51 23.35
N SER A 6 5.09 -0.21 22.32
CA SER A 6 4.82 -1.65 22.43
C SER A 6 5.71 -2.45 21.50
N SER A 7 6.49 -3.35 22.08
CA SER A 7 7.46 -4.19 21.34
C SER A 7 6.76 -5.15 20.38
N VAL A 8 5.57 -5.61 20.78
CA VAL A 8 4.76 -6.49 19.94
C VAL A 8 4.37 -5.77 18.65
N TYR A 9 3.93 -4.52 18.79
CA TYR A 9 3.60 -3.68 17.64
C TYR A 9 4.80 -3.47 16.72
N ILE A 10 5.92 -3.07 17.31
CA ILE A 10 7.16 -2.82 16.56
C ILE A 10 7.55 -4.02 15.70
N THR A 11 7.50 -5.21 16.28
CA THR A 11 7.98 -6.43 15.60
C THR A 11 7.02 -6.92 14.50
N VAL A 12 5.72 -6.87 14.78
CA VAL A 12 4.70 -7.16 13.76
C VAL A 12 4.84 -6.18 12.59
N GLU A 13 5.06 -4.91 12.93
CA GLU A 13 5.27 -3.85 11.94
C GLU A 13 6.52 -4.13 11.10
N LEU A 14 7.58 -4.62 11.75
CA LEU A 14 8.81 -5.01 11.07
C LEU A 14 8.59 -6.20 10.12
N ALA A 15 7.79 -7.16 10.56
CA ALA A 15 7.45 -8.33 9.74
C ALA A 15 6.82 -7.91 8.41
N ILE A 16 5.81 -7.04 8.49
CA ILE A 16 5.09 -6.53 7.33
C ILE A 16 6.03 -5.87 6.34
N ALA A 17 6.94 -5.05 6.86
CA ALA A 17 7.96 -4.38 6.03
C ALA A 17 8.76 -5.38 5.21
N VAL A 18 9.17 -6.48 5.84
CA VAL A 18 9.92 -7.53 5.15
C VAL A 18 9.07 -8.17 4.05
N LEU A 19 7.87 -8.64 4.41
CA LEU A 19 6.94 -9.20 3.42
C LEU A 19 6.59 -8.24 2.28
N ALA A 20 6.49 -6.95 2.59
CA ALA A 20 6.25 -5.92 1.56
C ALA A 20 7.42 -5.79 0.59
N ILE A 21 8.65 -5.77 1.13
CA ILE A 21 9.86 -5.73 0.30
C ILE A 21 10.03 -7.03 -0.52
N LEU A 22 9.84 -8.18 0.12
CA LEU A 22 10.02 -9.49 -0.55
C LEU A 22 9.08 -9.67 -1.74
N GLY A 23 7.79 -9.54 -1.49
CA GLY A 23 6.76 -9.72 -2.52
C GLY A 23 6.87 -8.75 -3.70
N ASN A 24 7.29 -7.53 -3.43
CA ASN A 24 7.29 -6.50 -4.46
C ASN A 24 8.58 -6.39 -5.25
N VAL A 25 9.69 -6.72 -4.62
CA VAL A 25 10.93 -7.02 -5.36
C VAL A 25 10.67 -8.22 -6.28
N LEU A 26 10.00 -9.24 -5.74
CA LEU A 26 9.59 -10.41 -6.53
C LEU A 26 8.82 -10.01 -7.79
N VAL A 27 7.83 -9.12 -7.63
CA VAL A 27 7.03 -8.60 -8.76
C VAL A 27 7.91 -7.89 -9.79
N CYS A 28 8.79 -7.02 -9.31
CA CYS A 28 9.63 -6.22 -10.20
C CYS A 28 10.70 -7.05 -10.90
N TRP A 29 11.32 -7.95 -10.15
CA TRP A 29 12.30 -8.91 -10.68
C TRP A 29 11.69 -9.69 -11.84
N ALA A 30 10.45 -10.16 -11.63
CA ALA A 30 9.72 -10.93 -12.63
C ALA A 30 9.52 -10.20 -13.96
N VAL A 31 9.34 -8.88 -13.91
CA VAL A 31 9.15 -8.09 -15.14
C VAL A 31 10.48 -7.87 -15.88
N TRP A 32 11.57 -7.78 -15.13
CA TRP A 32 12.88 -7.56 -15.72
C TRP A 32 13.39 -8.79 -16.46
N LEU A 33 13.23 -9.97 -15.85
CA LEU A 33 13.63 -11.23 -16.46
C LEU A 33 12.74 -11.60 -17.64
N ASN A 34 11.47 -11.87 -17.36
CA ASN A 34 10.49 -12.28 -18.36
C ASN A 34 10.19 -11.18 -19.38
N SER A 35 10.35 -11.51 -20.66
CA SER A 35 10.13 -10.57 -21.75
C SER A 35 8.66 -10.44 -22.14
N ASN A 36 7.86 -11.45 -21.79
CA ASN A 36 6.41 -11.43 -22.03
C ASN A 36 5.71 -10.43 -21.11
N LEU A 37 6.32 -10.20 -19.96
CA LEU A 37 5.77 -9.28 -18.96
C LEU A 37 6.12 -7.82 -19.26
N GLN A 38 6.92 -7.59 -20.30
CA GLN A 38 7.40 -6.25 -20.62
C GLN A 38 6.49 -5.50 -21.60
N ASN A 39 5.25 -5.26 -21.19
CA ASN A 39 4.32 -4.42 -21.95
C ASN A 39 3.69 -3.31 -21.09
N VAL A 40 3.03 -2.37 -21.75
CA VAL A 40 2.51 -1.14 -21.12
C VAL A 40 1.67 -1.38 -19.86
N THR A 41 0.73 -2.33 -19.94
CA THR A 41 -0.15 -2.69 -18.82
C THR A 41 0.61 -2.91 -17.50
N ASN A 42 1.85 -3.38 -17.59
CA ASN A 42 2.62 -3.74 -16.41
C ASN A 42 3.42 -2.59 -15.80
N TYR A 43 3.55 -1.49 -16.52
CA TYR A 43 4.11 -0.25 -15.98
C TYR A 43 3.34 0.19 -14.74
N PHE A 44 1.99 0.01 -14.81
CA PHE A 44 1.14 0.31 -13.67
C PHE A 44 1.35 -0.63 -12.49
N VAL A 45 1.66 -1.89 -12.80
CA VAL A 45 1.96 -2.90 -11.78
C VAL A 45 3.35 -2.65 -11.16
N VAL A 46 4.32 -2.28 -12.00
CA VAL A 46 5.68 -1.98 -11.54
C VAL A 46 5.71 -0.75 -10.63
N SER A 47 4.97 0.29 -11.03
CA SER A 47 4.83 1.51 -10.23
C SER A 47 4.33 1.19 -8.83
N ALA A 48 3.23 0.44 -8.77
CA ALA A 48 2.59 0.07 -7.52
C ALA A 48 3.53 -0.74 -6.64
N ALA A 49 4.21 -1.70 -7.26
CA ALA A 49 5.18 -2.53 -6.55
C ALA A 49 6.37 -1.70 -6.04
N ALA A 50 6.84 -0.75 -6.86
CA ALA A 50 7.91 0.17 -6.44
C ALA A 50 7.53 0.98 -5.19
N ALA A 51 6.34 1.59 -5.24
CA ALA A 51 5.79 2.36 -4.12
C ALA A 51 5.64 1.54 -2.83
N ASP A 52 5.24 0.28 -2.97
CA ASP A 52 5.11 -0.62 -1.81
C ASP A 52 6.45 -0.95 -1.18
N ILE A 53 7.49 -1.03 -2.02
CA ILE A 53 8.86 -1.21 -1.54
C ILE A 53 9.23 -0.01 -0.66
N LEU A 54 9.06 1.20 -1.18
CA LEU A 54 9.33 2.42 -0.41
C LEU A 54 8.55 2.48 0.91
N VAL A 55 7.35 1.87 0.93
CA VAL A 55 6.56 1.77 2.17
C VAL A 55 7.27 0.86 3.19
N GLY A 56 7.85 -0.23 2.69
CA GLY A 56 8.58 -1.18 3.52
C GLY A 56 9.92 -0.65 3.97
N VAL A 57 10.65 -0.02 3.06
CA VAL A 57 11.98 0.51 3.35
C VAL A 57 11.92 1.80 4.19
N LEU A 58 11.13 2.77 3.73
CA LEU A 58 11.12 4.10 4.33
C LEU A 58 9.93 4.36 5.27
N ALA A 59 8.71 4.10 4.78
CA ALA A 59 7.49 4.51 5.49
C ALA A 59 7.26 3.79 6.81
N ILE A 60 7.40 2.47 6.82
CA ILE A 60 7.21 1.69 8.06
C ILE A 60 8.26 1.99 9.16
N PRO A 61 9.56 2.06 8.78
CA PRO A 61 10.55 2.48 9.79
C PRO A 61 10.24 3.84 10.39
N PHE A 62 9.86 4.80 9.55
CA PHE A 62 9.42 6.13 10.02
C PHE A 62 8.18 6.04 10.93
N ALA A 63 7.26 5.14 10.59
CA ALA A 63 6.04 4.97 11.37
C ALA A 63 6.34 4.41 12.75
N ILE A 64 7.32 3.49 12.82
CA ILE A 64 7.76 2.92 14.10
C ILE A 64 8.29 4.01 15.03
N ALA A 65 9.15 4.87 14.49
CA ALA A 65 9.72 5.99 15.24
C ALA A 65 8.65 6.88 15.86
N ILE A 66 7.68 7.27 15.05
CA ILE A 66 6.59 8.16 15.46
C ILE A 66 5.72 7.57 16.59
N SER A 67 5.77 6.26 16.77
CA SER A 67 5.00 5.59 17.82
C SER A 67 5.67 5.65 19.19
N THR A 68 6.96 5.99 19.19
CA THR A 68 7.78 5.96 20.42
C THR A 68 7.74 7.24 21.22
N GLY A 69 7.29 8.33 20.59
CA GLY A 69 7.25 9.63 21.24
C GLY A 69 8.62 10.09 21.70
N PHE A 70 9.62 9.93 20.84
CA PHE A 70 10.97 10.37 21.12
C PHE A 70 11.07 11.89 21.10
N CYS A 71 12.14 12.43 21.69
CA CYS A 71 12.34 13.88 21.76
C CYS A 71 12.91 14.45 20.46
N ALA A 72 12.23 15.45 19.91
CA ALA A 72 12.67 16.13 18.69
C ALA A 72 11.97 17.47 18.50
N ALA A 73 12.53 18.29 17.62
CA ALA A 73 11.88 19.52 17.18
C ALA A 73 10.54 19.19 16.50
N CYS A 74 9.49 19.89 16.90
CA CYS A 74 8.13 19.68 16.37
C CYS A 74 8.10 19.57 14.84
N HIS A 75 8.84 20.44 14.15
CA HIS A 75 8.81 20.50 12.69
C HIS A 75 9.59 19.38 12.03
N GLY A 76 10.54 18.80 12.77
CA GLY A 76 11.22 17.59 12.33
C GLY A 76 10.30 16.39 12.47
N CYS A 77 9.50 16.40 13.54
CA CYS A 77 8.52 15.36 13.79
C CYS A 77 7.41 15.39 12.76
N LEU A 78 6.99 16.60 12.38
CA LEU A 78 5.93 16.76 11.39
C LEU A 78 6.36 16.28 10.01
N PHE A 79 7.63 16.49 9.69
CA PHE A 79 8.18 16.11 8.38
C PHE A 79 8.23 14.59 8.18
N ILE A 80 8.51 13.87 9.26
CA ILE A 80 8.53 12.41 9.23
C ILE A 80 7.11 11.86 9.08
N ALA A 81 6.15 12.43 9.82
CA ALA A 81 4.75 12.04 9.71
C ALA A 81 4.22 12.34 8.31
N CYS A 82 4.66 13.46 7.74
CA CYS A 82 4.28 13.83 6.39
C CYS A 82 4.84 12.90 5.35
N PHE A 83 6.03 12.36 5.63
CA PHE A 83 6.68 11.45 4.71
C PHE A 83 6.02 10.08 4.73
N VAL A 84 5.49 9.68 5.88
CA VAL A 84 4.67 8.47 5.96
C VAL A 84 3.41 8.61 5.11
N LEU A 85 2.81 9.81 5.14
CA LEU A 85 1.58 10.10 4.41
C LEU A 85 1.77 10.10 2.89
N VAL A 86 2.82 10.77 2.41
CA VAL A 86 3.14 10.82 0.98
C VAL A 86 3.37 9.43 0.38
N LEU A 87 4.16 8.60 1.05
CA LEU A 87 4.57 7.30 0.54
C LEU A 87 3.42 6.28 0.52
N THR A 88 2.61 6.29 1.57
CA THR A 88 1.42 5.45 1.60
C THR A 88 0.39 5.93 0.56
N ALA A 89 0.36 7.24 0.31
CA ALA A 89 -0.55 7.82 -0.68
C ALA A 89 -0.20 7.36 -2.09
N SER A 90 1.09 7.40 -2.42
CA SER A 90 1.59 6.94 -3.71
C SER A 90 1.23 5.48 -3.95
N SER A 91 1.35 4.68 -2.90
CA SER A 91 0.93 3.28 -2.91
C SER A 91 -0.55 3.14 -3.30
N ILE A 92 -1.42 3.96 -2.70
CA ILE A 92 -2.85 3.95 -2.99
C ILE A 92 -3.16 4.40 -4.42
N PHE A 93 -2.53 5.50 -4.85
CA PHE A 93 -2.81 6.08 -6.16
C PHE A 93 -2.31 5.24 -7.31
N SER A 94 -1.14 4.63 -7.14
CA SER A 94 -0.60 3.76 -8.17
C SER A 94 -1.40 2.44 -8.26
N LEU A 95 -2.05 2.06 -7.15
CA LEU A 95 -2.97 0.95 -7.16
C LEU A 95 -4.25 1.30 -7.92
N LEU A 96 -4.73 2.53 -7.73
CA LEU A 96 -5.85 3.06 -8.50
C LEU A 96 -5.58 3.04 -10.02
N ALA A 97 -4.35 3.38 -10.42
CA ALA A 97 -3.97 3.41 -11.83
C ALA A 97 -4.18 2.05 -12.50
N ILE A 98 -3.91 0.97 -11.77
CA ILE A 98 -4.16 -0.38 -12.26
C ILE A 98 -5.65 -0.57 -12.58
N ALA A 99 -6.52 -0.14 -11.66
CA ALA A 99 -7.96 -0.23 -11.83
C ALA A 99 -8.51 0.58 -13.01
N ILE A 100 -8.02 1.80 -13.20
CA ILE A 100 -8.44 2.64 -14.33
C ILE A 100 -7.98 2.03 -15.66
N ASP A 101 -6.78 1.46 -15.64
CA ASP A 101 -6.24 0.74 -16.79
C ASP A 101 -7.12 -0.43 -17.20
N ARG A 102 -7.46 -1.29 -16.25
CA ARG A 102 -8.35 -2.44 -16.48
C ARG A 102 -9.75 -2.01 -16.91
N TYR A 103 -10.18 -0.84 -16.43
CA TYR A 103 -11.46 -0.27 -16.83
C TYR A 103 -11.46 0.03 -18.32
N ILE A 104 -10.47 0.78 -18.79
CA ILE A 104 -10.32 1.12 -20.21
C ILE A 104 -10.18 -0.15 -21.06
N ALA A 105 -9.37 -1.08 -20.58
CA ALA A 105 -9.10 -2.34 -21.29
C ALA A 105 -10.34 -3.18 -21.55
N ILE A 106 -11.25 -3.22 -20.58
CA ILE A 106 -12.46 -4.03 -20.69
C ILE A 106 -13.59 -3.29 -21.40
N ARG A 107 -13.73 -1.99 -21.11
CA ARG A 107 -14.82 -1.21 -21.69
C ARG A 107 -14.55 -0.75 -23.13
N ILE A 108 -13.33 -0.29 -23.40
CA ILE A 108 -12.94 0.14 -24.74
C ILE A 108 -11.73 -0.68 -25.22
N PRO A 109 -11.95 -1.97 -25.58
CA PRO A 109 -10.83 -2.87 -25.86
C PRO A 109 -10.16 -2.60 -27.19
N LEU A 110 -10.88 -1.93 -28.10
CA LEU A 110 -10.37 -1.61 -29.42
C LEU A 110 -9.25 -0.56 -29.39
N ARG A 111 -9.57 0.64 -28.92
CA ARG A 111 -8.61 1.75 -28.89
C ARG A 111 -7.60 1.71 -27.75
N TYR A 112 -7.80 0.80 -26.80
CA TYR A 112 -6.91 0.65 -25.64
C TYR A 112 -5.43 0.71 -26.00
N ASN A 113 -5.03 -0.01 -27.04
CA ASN A 113 -3.62 -0.12 -27.42
C ASN A 113 -3.06 1.16 -28.06
N GLY A 114 -3.96 1.97 -28.62
CA GLY A 114 -3.60 3.28 -29.17
C GLY A 114 -3.69 4.39 -28.14
N LEU A 115 -4.59 4.22 -27.16
CA LEU A 115 -4.80 5.20 -26.10
C LEU A 115 -3.79 5.07 -24.94
N VAL A 116 -3.67 3.86 -24.38
CA VAL A 116 -2.78 3.62 -23.26
C VAL A 116 -1.38 3.21 -23.75
N THR A 117 -0.59 4.20 -24.12
CA THR A 117 0.77 3.98 -24.61
C THR A 117 1.79 4.05 -23.46
N GLY A 118 3.02 3.64 -23.74
CA GLY A 118 4.10 3.67 -22.76
C GLY A 118 4.42 5.06 -22.22
N THR A 119 4.29 6.06 -23.08
CA THR A 119 4.53 7.46 -22.70
C THR A 119 3.39 8.01 -21.83
N ARG A 120 2.14 7.73 -22.22
CA ARG A 120 0.97 8.11 -21.44
C ARG A 120 0.90 7.42 -20.08
N ALA A 121 1.41 6.19 -20.01
CA ALA A 121 1.50 5.44 -18.75
C ALA A 121 2.43 6.13 -17.75
N LYS A 122 3.50 6.73 -18.26
CA LYS A 122 4.45 7.47 -17.41
C LYS A 122 3.86 8.81 -16.97
N GLY A 123 3.03 9.39 -17.83
CA GLY A 123 2.23 10.55 -17.47
C GLY A 123 1.40 10.26 -16.23
N ILE A 124 0.61 9.17 -16.29
CA ILE A 124 -0.23 8.75 -15.16
C ILE A 124 0.59 8.48 -13.90
N ILE A 125 1.71 7.78 -14.05
CA ILE A 125 2.61 7.51 -12.93
C ILE A 125 3.06 8.81 -12.23
N ALA A 126 3.50 9.78 -13.02
CA ALA A 126 3.93 11.09 -12.51
C ALA A 126 2.81 11.81 -11.74
N ILE A 127 1.61 11.83 -12.35
CA ILE A 127 0.42 12.34 -11.70
C ILE A 127 0.18 11.70 -10.32
N CYS A 128 0.37 10.38 -10.23
CA CYS A 128 0.22 9.67 -8.95
C CYS A 128 1.14 10.24 -7.87
N TRP A 129 2.35 10.60 -8.27
CA TRP A 129 3.34 11.14 -7.36
C TRP A 129 3.17 12.62 -7.06
N VAL A 130 2.66 13.38 -8.02
CA VAL A 130 2.35 14.79 -7.80
C VAL A 130 1.26 14.91 -6.73
N LEU A 131 0.17 14.17 -6.92
CA LEU A 131 -0.93 14.12 -5.95
C LEU A 131 -0.49 13.65 -4.57
N SER A 132 0.46 12.73 -4.51
CA SER A 132 0.96 12.22 -3.23
C SER A 132 1.71 13.28 -2.43
N PHE A 133 2.57 14.03 -3.10
CA PHE A 133 3.34 15.11 -2.47
C PHE A 133 2.44 16.27 -2.05
N ALA A 134 1.60 16.74 -2.98
CA ALA A 134 0.68 17.83 -2.72
C ALA A 134 -0.18 17.57 -1.47
N ILE A 135 -0.61 16.32 -1.28
CA ILE A 135 -1.54 15.97 -0.21
C ILE A 135 -0.82 15.67 1.10
N GLY A 136 0.23 14.85 1.03
CA GLY A 136 0.97 14.45 2.21
C GLY A 136 1.84 15.53 2.77
N LEU A 137 2.22 16.51 1.95
CA LEU A 137 3.02 17.65 2.41
C LEU A 137 2.17 18.86 2.80
N THR A 138 0.86 18.80 2.56
CA THR A 138 -0.05 19.90 2.91
C THR A 138 0.16 20.42 4.35
N PRO A 139 0.33 19.50 5.34
CA PRO A 139 0.60 19.97 6.70
C PRO A 139 1.87 20.82 6.86
N MET A 140 2.83 20.67 5.96
CA MET A 140 4.06 21.48 5.97
C MET A 140 3.79 22.97 5.78
N LEU A 141 2.77 23.27 5.00
CA LEU A 141 2.41 24.65 4.63
C LEU A 141 1.82 25.46 5.79
N GLY A 142 1.52 24.80 6.91
CA GLY A 142 0.96 25.50 8.06
C GLY A 142 -0.20 24.80 8.72
N TRP A 143 -0.84 23.89 8.00
CA TRP A 143 -1.95 23.10 8.56
C TRP A 143 -1.40 22.00 9.49
N ASN A 144 -0.90 22.41 10.66
CA ASN A 144 -0.31 21.48 11.62
C ASN A 144 -0.51 21.94 13.07
N ASN A 145 -0.12 21.08 14.02
CA ASN A 145 -0.34 21.35 15.44
C ASN A 145 0.88 21.92 16.14
N CYS A 146 1.91 22.26 15.37
CA CYS A 146 3.19 22.70 15.91
C CYS A 146 3.17 24.06 16.60
N GLY A 147 2.14 24.86 16.30
CA GLY A 147 1.94 26.13 16.99
C GLY A 147 1.55 25.95 18.44
N GLN A 148 1.01 24.78 18.76
CA GLN A 148 0.50 24.48 20.10
C GLN A 148 1.17 23.24 20.72
N PRO A 149 2.47 23.33 21.03
CA PRO A 149 3.22 22.17 21.59
C PRO A 149 2.72 21.80 22.97
N LYS A 150 2.98 20.56 23.38
CA LYS A 150 2.54 20.09 24.68
C LYS A 150 3.71 19.95 25.65
N GLU A 151 3.85 20.94 26.53
CA GLU A 151 4.95 21.04 27.49
C GLU A 151 4.87 20.00 28.59
N GLY A 152 3.67 19.75 29.09
CA GLY A 152 3.44 18.76 30.15
C GLY A 152 3.87 17.36 29.77
N LYS A 153 3.58 16.98 28.53
CA LYS A 153 3.97 15.69 27.97
C LYS A 153 5.45 15.68 27.60
N ALA A 154 5.95 16.81 27.11
CA ALA A 154 7.36 16.97 26.76
C ALA A 154 8.26 16.86 27.99
N HIS A 155 7.77 17.37 29.12
CA HIS A 155 8.47 17.30 30.39
C HIS A 155 8.57 15.87 30.90
N SER A 156 7.43 15.17 30.89
CA SER A 156 7.36 13.77 31.34
C SER A 156 8.34 12.84 30.62
N GLN A 157 8.61 13.14 29.34
CA GLN A 157 9.55 12.35 28.54
C GLN A 157 11.00 12.84 28.70
N GLY A 158 11.19 13.88 29.50
CA GLY A 158 12.52 14.45 29.75
C GLY A 158 13.14 15.08 28.52
N CYS A 159 12.33 15.74 27.70
CA CYS A 159 12.81 16.44 26.52
C CYS A 159 13.39 17.79 26.89
N GLY A 160 14.47 18.17 26.24
CA GLY A 160 15.09 19.49 26.44
C GLY A 160 14.18 20.59 25.92
N GLU A 161 14.48 21.83 26.31
CA GLU A 161 13.65 22.97 25.91
C GLU A 161 13.61 23.16 24.40
N GLY A 162 12.42 23.40 23.87
CA GLY A 162 12.21 23.51 22.43
C GLY A 162 12.05 22.16 21.75
N GLN A 163 11.71 21.14 22.54
CA GLN A 163 11.46 19.79 22.01
C GLN A 163 10.15 19.23 22.53
N VAL A 164 9.55 18.34 21.74
CA VAL A 164 8.29 17.71 22.10
C VAL A 164 8.35 16.20 21.87
N ALA A 165 7.46 15.46 22.53
CA ALA A 165 7.29 14.04 22.28
C ALA A 165 6.72 13.82 20.87
N CYS A 166 7.51 13.20 20.01
CA CYS A 166 7.14 13.02 18.62
C CYS A 166 6.05 11.95 18.44
N LEU A 167 4.79 12.38 18.50
CA LEU A 167 3.63 11.52 18.22
C LEU A 167 2.86 12.04 17.00
N PHE A 168 2.24 11.11 16.27
CA PHE A 168 1.50 11.44 15.03
C PHE A 168 0.36 12.40 15.31
N GLU A 169 -0.49 12.03 16.27
CA GLU A 169 -1.67 12.82 16.64
C GLU A 169 -1.33 14.13 17.35
N ASP A 170 -0.04 14.38 17.57
CA ASP A 170 0.41 15.62 18.20
C ASP A 170 0.93 16.66 17.21
N VAL A 171 1.30 16.22 16.01
CA VAL A 171 1.76 17.13 14.96
C VAL A 171 0.78 17.23 13.77
N VAL A 172 0.14 16.10 13.44
CA VAL A 172 -0.81 16.07 12.32
C VAL A 172 -2.23 16.29 12.85
N PRO A 173 -2.90 17.35 12.39
CA PRO A 173 -4.25 17.66 12.89
C PRO A 173 -5.29 16.65 12.45
N MET A 174 -6.28 16.41 13.31
CA MET A 174 -7.36 15.49 13.00
C MET A 174 -8.32 15.98 11.90
N ASN A 175 -8.48 17.30 11.75
CA ASN A 175 -9.36 17.79 10.69
C ASN A 175 -8.76 17.60 9.31
N TYR A 176 -7.45 17.81 9.21
CA TYR A 176 -6.68 17.43 8.02
C TYR A 176 -6.88 15.95 7.65
N MET A 177 -6.75 15.07 8.64
CA MET A 177 -6.91 13.64 8.44
C MET A 177 -8.31 13.26 7.99
N VAL A 178 -9.32 13.88 8.60
CA VAL A 178 -10.72 13.54 8.37
C VAL A 178 -11.28 14.20 7.11
N TYR A 179 -11.02 15.50 6.94
CA TYR A 179 -11.63 16.30 5.86
C TYR A 179 -10.89 16.22 4.54
N PHE A 180 -9.57 16.09 4.60
CA PHE A 180 -8.77 16.10 3.39
C PHE A 180 -8.22 14.70 3.08
N ASN A 181 -7.41 14.14 3.98
CA ASN A 181 -6.73 12.86 3.75
C ASN A 181 -7.65 11.64 3.56
N PHE A 182 -8.63 11.48 4.44
CA PHE A 182 -9.60 10.39 4.32
C PHE A 182 -10.38 10.43 2.99
N PHE A 183 -10.85 11.61 2.59
CA PHE A 183 -11.64 11.74 1.36
C PHE A 183 -10.79 11.61 0.08
N ALA A 184 -9.66 12.32 0.05
CA ALA A 184 -8.78 12.29 -1.11
C ALA A 184 -8.07 10.95 -1.30
N CYS A 185 -7.61 10.36 -0.20
CA CYS A 185 -6.72 9.20 -0.28
C CYS A 185 -7.41 7.86 -0.13
N VAL A 186 -8.53 7.82 0.58
CA VAL A 186 -9.16 6.56 0.88
C VAL A 186 -10.55 6.42 0.24
N LEU A 187 -11.45 7.35 0.56
CA LEU A 187 -12.83 7.21 0.08
C LEU A 187 -12.99 7.35 -1.42
N VAL A 188 -12.40 8.39 -2.01
CA VAL A 188 -12.50 8.57 -3.48
C VAL A 188 -11.90 7.37 -4.24
N PRO A 189 -10.60 7.06 -4.04
CA PRO A 189 -10.04 5.88 -4.69
C PRO A 189 -10.89 4.61 -4.52
N LEU A 190 -11.35 4.35 -3.29
CA LEU A 190 -12.18 3.18 -2.99
C LEU A 190 -13.46 3.18 -3.81
N LEU A 191 -14.15 4.32 -3.85
CA LEU A 191 -15.38 4.43 -4.63
C LEU A 191 -15.13 4.28 -6.13
N LEU A 192 -14.03 4.85 -6.61
CA LEU A 192 -13.65 4.70 -8.02
C LEU A 192 -13.33 3.24 -8.38
N MET A 193 -12.60 2.54 -7.51
CA MET A 193 -12.23 1.15 -7.76
C MET A 193 -13.46 0.24 -7.65
N LEU A 194 -14.33 0.52 -6.69
CA LEU A 194 -15.60 -0.21 -6.54
C LEU A 194 -16.48 -0.02 -7.79
N GLY A 195 -16.47 1.19 -8.34
CA GLY A 195 -17.21 1.51 -9.56
C GLY A 195 -16.65 0.80 -10.78
N VAL A 196 -15.33 0.63 -10.81
CA VAL A 196 -14.66 -0.10 -11.89
C VAL A 196 -15.02 -1.58 -11.82
N TYR A 197 -15.03 -2.14 -10.61
CA TYR A 197 -15.41 -3.53 -10.41
C TYR A 197 -16.87 -3.79 -10.83
N LEU A 198 -17.76 -2.87 -10.48
CA LEU A 198 -19.18 -3.02 -10.79
C LEU A 198 -19.46 -2.97 -12.30
N ARG A 199 -18.62 -2.26 -13.04
CA ARG A 199 -18.76 -2.19 -14.49
C ARG A 199 -18.21 -3.43 -15.20
N ILE A 200 -17.14 -4.03 -14.64
CA ILE A 200 -16.60 -5.28 -15.17
C ILE A 200 -17.54 -6.45 -14.84
N PHE A 201 -18.14 -6.41 -13.66
CA PHE A 201 -19.12 -7.41 -13.25
C PHE A 201 -20.36 -7.41 -14.18
N LEU A 202 -20.86 -6.21 -14.47
CA LEU A 202 -22.02 -6.03 -15.34
C LEU A 202 -21.75 -6.47 -16.79
N ALA A 203 -20.50 -6.35 -17.22
CA ALA A 203 -20.09 -6.85 -18.53
C ALA A 203 -20.16 -8.37 -18.56
N ALA A 204 -19.74 -9.00 -17.46
CA ALA A 204 -19.80 -10.44 -17.32
C ALA A 204 -21.26 -10.94 -17.27
N ARG A 205 -22.10 -10.19 -16.58
CA ARG A 205 -23.53 -10.52 -16.47
C ARG A 205 -24.25 -10.43 -17.83
N ARG A 206 -23.85 -9.49 -18.67
CA ARG A 206 -24.44 -9.34 -20.01
C ARG A 206 -24.00 -10.45 -20.94
N GLN A 207 -22.71 -10.81 -20.88
CA GLN A 207 -22.17 -11.93 -21.65
C GLN A 207 -22.84 -13.24 -21.24
N LEU A 208 -23.07 -13.38 -19.94
CA LEU A 208 -23.66 -14.58 -19.37
C LEU A 208 -25.13 -14.72 -19.77
N LYS A 209 -25.82 -13.59 -19.90
CA LYS A 209 -27.23 -13.60 -20.30
C LYS A 209 -27.42 -13.97 -21.78
N GLN A 210 -26.41 -13.70 -22.59
CA GLN A 210 -26.45 -14.05 -24.02
C GLN A 210 -26.29 -15.54 -24.25
N MET A 211 -25.65 -16.22 -23.29
CA MET A 211 -25.45 -17.66 -23.35
C MET A 211 -26.74 -18.45 -23.11
N GLU A 212 -27.82 -17.72 -22.75
CA GLU A 212 -29.16 -18.29 -22.65
C GLU A 212 -29.85 -18.39 -24.02
N SER A 213 -29.04 -18.39 -25.07
CA SER A 213 -29.49 -18.66 -26.44
C SER A 213 -28.34 -19.38 -27.17
N GLN A 214 -28.67 -20.41 -27.94
CA GLN A 214 -27.64 -21.21 -28.64
C GLN A 214 -27.43 -20.75 -30.08
N SER A 223 -14.83 -16.14 -25.57
CA SER A 223 -13.66 -16.16 -24.68
C SER A 223 -13.54 -14.88 -23.87
N THR A 224 -14.35 -13.88 -24.21
CA THR A 224 -14.38 -12.59 -23.51
C THR A 224 -14.96 -12.74 -22.10
N LEU A 225 -15.87 -13.69 -21.93
CA LEU A 225 -16.49 -13.97 -20.64
C LEU A 225 -15.46 -14.46 -19.61
N GLN A 226 -14.52 -15.30 -20.03
CA GLN A 226 -13.46 -15.80 -19.14
C GLN A 226 -12.51 -14.69 -18.70
N LYS A 227 -12.19 -13.77 -19.61
CA LYS A 227 -11.34 -12.62 -19.29
C LYS A 227 -12.01 -11.70 -18.27
N GLU A 228 -13.29 -11.44 -18.46
CA GLU A 228 -14.06 -10.55 -17.57
C GLU A 228 -14.32 -11.13 -16.18
N VAL A 229 -14.59 -12.43 -16.12
CA VAL A 229 -14.81 -13.11 -14.84
C VAL A 229 -13.51 -13.13 -14.03
N HIS A 230 -12.40 -13.44 -14.69
CA HIS A 230 -11.09 -13.38 -14.06
C HIS A 230 -10.76 -11.95 -13.59
N ALA A 231 -11.04 -10.95 -14.43
CA ALA A 231 -10.82 -9.55 -14.10
C ALA A 231 -11.65 -9.07 -12.91
N ALA A 232 -12.95 -9.41 -12.92
CA ALA A 232 -13.86 -9.02 -11.84
C ALA A 232 -13.44 -9.61 -10.50
N LYS A 233 -12.92 -10.83 -10.54
CA LYS A 233 -12.41 -11.48 -9.34
C LYS A 233 -11.17 -10.74 -8.84
N SER A 234 -10.27 -10.40 -9.76
CA SER A 234 -9.06 -9.64 -9.43
C SER A 234 -9.37 -8.29 -8.78
N LEU A 235 -10.40 -7.62 -9.28
CA LEU A 235 -10.80 -6.32 -8.73
C LEU A 235 -11.56 -6.41 -7.43
N ALA A 236 -12.29 -7.51 -7.24
CA ALA A 236 -12.97 -7.75 -5.97
C ALA A 236 -11.93 -7.96 -4.85
N ILE A 237 -10.85 -8.63 -5.17
CA ILE A 237 -9.77 -8.86 -4.21
C ILE A 237 -9.09 -7.53 -3.80
N ILE A 238 -8.67 -6.76 -4.80
CA ILE A 238 -8.09 -5.43 -4.59
C ILE A 238 -8.94 -4.55 -3.67
N VAL A 239 -10.23 -4.44 -4.01
CA VAL A 239 -11.16 -3.53 -3.34
C VAL A 239 -11.51 -4.03 -1.94
N GLY A 240 -11.79 -5.32 -1.81
CA GLY A 240 -12.09 -5.94 -0.53
C GLY A 240 -10.95 -5.77 0.45
N LEU A 241 -9.74 -6.09 0.00
CA LEU A 241 -8.54 -5.93 0.83
C LEU A 241 -8.24 -4.47 1.16
N PHE A 242 -8.36 -3.60 0.17
CA PHE A 242 -8.13 -2.16 0.33
C PHE A 242 -9.07 -1.55 1.37
N ALA A 243 -10.33 -1.99 1.39
CA ALA A 243 -11.30 -1.47 2.36
C ALA A 243 -11.05 -2.03 3.75
N LEU A 244 -10.68 -3.30 3.81
CA LEU A 244 -10.35 -3.97 5.05
C LEU A 244 -9.08 -3.40 5.67
N CYS A 245 -8.13 -3.01 4.83
CA CYS A 245 -6.85 -2.49 5.33
C CYS A 245 -6.90 -1.02 5.75
N TRP A 246 -7.61 -0.19 4.98
CA TRP A 246 -7.58 1.25 5.16
C TRP A 246 -8.71 1.88 5.99
N LEU A 247 -9.92 1.34 5.89
CA LEU A 247 -11.08 1.94 6.56
C LEU A 247 -11.03 1.93 8.10
N PRO A 248 -10.57 0.82 8.74
CA PRO A 248 -10.58 0.83 10.21
C PRO A 248 -9.82 1.99 10.84
N LEU A 249 -8.60 2.26 10.37
CA LEU A 249 -7.80 3.38 10.89
C LEU A 249 -8.47 4.74 10.68
N HIS A 250 -9.03 4.94 9.49
CA HIS A 250 -9.66 6.22 9.16
C HIS A 250 -11.02 6.40 9.83
N ILE A 251 -11.78 5.32 9.95
CA ILE A 251 -13.01 5.35 10.73
C ILE A 251 -12.71 5.68 12.20
N ILE A 252 -11.65 5.08 12.75
CA ILE A 252 -11.19 5.43 14.10
C ILE A 252 -10.89 6.92 14.20
N ASN A 253 -10.14 7.44 13.22
CA ASN A 253 -9.83 8.88 13.15
C ASN A 253 -11.09 9.76 13.19
N CYS A 254 -12.16 9.33 12.51
CA CYS A 254 -13.43 10.04 12.52
C CYS A 254 -14.10 10.04 13.89
N PHE A 255 -14.05 8.90 14.58
CA PHE A 255 -14.53 8.78 15.95
C PHE A 255 -13.81 9.78 16.87
N THR A 256 -12.48 9.81 16.77
CA THR A 256 -11.64 10.71 17.56
C THR A 256 -12.01 12.18 17.32
N PHE A 257 -12.24 12.52 16.05
CA PHE A 257 -12.54 13.89 15.67
C PHE A 257 -13.95 14.33 16.05
N PHE A 258 -14.93 13.46 15.85
CA PHE A 258 -16.32 13.79 16.11
C PHE A 258 -16.75 13.54 17.55
N CYS A 259 -15.95 12.81 18.31
CA CYS A 259 -16.17 12.69 19.75
C CYS A 259 -14.97 13.18 20.58
N PRO A 260 -14.85 14.50 20.77
CA PRO A 260 -13.74 15.07 21.54
C PRO A 260 -13.86 14.78 23.05
N ASP A 261 -15.08 14.53 23.51
CA ASP A 261 -15.34 14.24 24.92
C ASP A 261 -15.14 12.76 25.28
N CYS A 262 -15.36 11.88 24.30
CA CYS A 262 -15.11 10.44 24.46
C CYS A 262 -13.65 10.18 24.83
N SER A 263 -13.44 9.19 25.70
CA SER A 263 -12.09 8.69 25.95
C SER A 263 -11.56 8.06 24.68
N HIS A 264 -10.26 8.23 24.45
CA HIS A 264 -9.65 7.82 23.19
C HIS A 264 -9.77 6.31 22.97
N ALA A 265 -9.92 5.92 21.70
CA ALA A 265 -9.91 4.52 21.31
C ALA A 265 -8.63 3.86 21.80
N PRO A 266 -8.75 2.67 22.43
CA PRO A 266 -7.62 1.96 23.04
C PRO A 266 -6.38 1.88 22.16
N LEU A 267 -5.22 1.94 22.81
CA LEU A 267 -3.91 1.91 22.16
C LEU A 267 -3.64 0.63 21.36
N TRP A 268 -4.22 -0.49 21.79
CA TRP A 268 -4.04 -1.76 21.08
C TRP A 268 -4.80 -1.75 19.76
N LEU A 269 -5.95 -1.10 19.75
CA LEU A 269 -6.76 -0.94 18.54
C LEU A 269 -6.06 0.00 17.55
N MET A 270 -5.40 1.04 18.09
CA MET A 270 -4.61 1.94 17.26
C MET A 270 -3.52 1.16 16.52
N TYR A 271 -2.71 0.40 17.27
CA TYR A 271 -1.61 -0.38 16.70
C TYR A 271 -2.08 -1.40 15.68
N LEU A 272 -3.19 -2.07 16.00
CA LEU A 272 -3.83 -3.00 15.06
C LEU A 272 -4.24 -2.33 13.73
N ALA A 273 -4.87 -1.16 13.83
CA ALA A 273 -5.33 -0.42 12.65
C ALA A 273 -4.19 0.14 11.79
N ILE A 274 -3.15 0.67 12.45
CA ILE A 274 -1.96 1.15 11.76
C ILE A 274 -1.29 0.00 11.00
N VAL A 275 -1.08 -1.12 11.69
CA VAL A 275 -0.51 -2.33 11.10
C VAL A 275 -1.38 -2.84 9.94
N LEU A 276 -2.69 -2.85 10.14
CA LEU A 276 -3.64 -3.26 9.11
C LEU A 276 -3.50 -2.42 7.83
N SER A 277 -3.37 -1.09 8.00
CA SER A 277 -3.18 -0.19 6.87
C SER A 277 -1.89 -0.48 6.10
N HIS A 278 -0.83 -0.86 6.83
CA HIS A 278 0.44 -1.18 6.19
C HIS A 278 0.43 -2.52 5.45
N THR A 279 -0.42 -3.45 5.89
CA THR A 279 -0.54 -4.74 5.23
C THR A 279 -1.19 -4.68 3.82
N ASN A 280 -1.71 -3.51 3.45
CA ASN A 280 -2.16 -3.29 2.08
C ASN A 280 -0.99 -3.32 1.08
N SER A 281 0.20 -2.97 1.57
CA SER A 281 1.39 -2.92 0.73
C SER A 281 2.02 -4.29 0.45
N VAL A 282 1.57 -5.32 1.17
CA VAL A 282 2.02 -6.68 0.89
C VAL A 282 1.03 -7.44 0.00
N VAL A 283 -0.26 -7.22 0.19
CA VAL A 283 -1.27 -7.89 -0.63
C VAL A 283 -1.57 -7.17 -1.94
N ASN A 284 -1.52 -5.84 -1.95
CA ASN A 284 -1.75 -5.05 -3.16
C ASN A 284 -0.46 -4.45 -3.71
N PRO A 285 -0.10 -4.76 -4.96
CA PRO A 285 -0.80 -5.68 -5.85
C PRO A 285 -0.07 -7.03 -6.02
N PHE A 286 0.41 -7.64 -4.93
CA PHE A 286 1.03 -8.95 -5.07
C PHE A 286 0.00 -9.96 -5.59
N ILE A 287 -1.07 -10.14 -4.82
CA ILE A 287 -2.16 -11.05 -5.18
C ILE A 287 -2.69 -10.80 -6.60
N TYR A 288 -2.74 -9.54 -7.01
CA TYR A 288 -3.17 -9.23 -8.37
C TYR A 288 -2.24 -9.87 -9.39
N ALA A 289 -0.93 -9.59 -9.26
CA ALA A 289 0.10 -10.14 -10.14
C ALA A 289 0.13 -11.67 -10.07
N TYR A 290 0.10 -12.19 -8.85
CA TYR A 290 0.11 -13.64 -8.60
C TYR A 290 -1.03 -14.40 -9.31
N ARG A 291 -2.05 -13.66 -9.74
CA ARG A 291 -3.20 -14.25 -10.40
C ARG A 291 -3.11 -14.15 -11.92
N ILE A 292 -1.98 -13.66 -12.42
CA ILE A 292 -1.64 -13.78 -13.83
C ILE A 292 -0.64 -14.92 -13.94
N ARG A 293 -0.98 -15.94 -14.74
CA ARG A 293 -0.13 -17.15 -14.86
C ARG A 293 1.32 -16.81 -15.20
N GLU A 294 1.53 -15.95 -16.18
CA GLU A 294 2.84 -15.53 -16.64
C GLU A 294 3.71 -14.97 -15.50
N PHE A 295 3.10 -14.19 -14.61
CA PHE A 295 3.77 -13.74 -13.40
C PHE A 295 4.03 -14.90 -12.45
N ARG A 296 3.01 -15.74 -12.26
CA ARG A 296 3.06 -16.83 -11.29
C ARG A 296 4.13 -17.88 -11.63
N GLN A 297 4.28 -18.17 -12.92
CA GLN A 297 5.30 -19.12 -13.38
C GLN A 297 6.71 -18.55 -13.22
N THR A 298 6.87 -17.28 -13.54
CA THR A 298 8.15 -16.57 -13.39
C THR A 298 8.56 -16.47 -11.92
N PHE A 299 7.57 -16.30 -11.04
CA PHE A 299 7.80 -16.32 -9.60
C PHE A 299 8.38 -17.65 -9.15
N ARG A 300 7.94 -18.74 -9.78
CA ARG A 300 8.41 -20.08 -9.43
C ARG A 300 9.87 -20.27 -9.79
N LYS A 301 10.25 -19.87 -11.02
CA LYS A 301 11.64 -19.93 -11.48
C LYS A 301 12.62 -19.20 -10.55
N ILE A 302 12.17 -18.10 -9.95
CA ILE A 302 13.02 -17.28 -9.09
C ILE A 302 13.21 -17.91 -7.69
N ILE A 303 12.10 -18.29 -7.05
CA ILE A 303 12.15 -18.95 -5.74
C ILE A 303 12.76 -20.35 -5.86
N ARG A 304 12.52 -21.01 -6.99
CA ARG A 304 13.13 -22.30 -7.29
C ARG A 304 14.65 -22.19 -7.28
N SER A 305 15.18 -21.31 -8.14
CA SER A 305 16.62 -21.06 -8.25
C SER A 305 17.24 -20.57 -6.95
N HIS A 306 16.40 -20.03 -6.06
CA HIS A 306 16.85 -19.60 -4.74
C HIS A 306 16.99 -20.79 -3.80
N VAL A 307 16.20 -21.85 -4.03
CA VAL A 307 16.22 -23.04 -3.18
C VAL A 307 17.27 -24.06 -3.64
N LEU A 308 17.38 -24.27 -4.95
CA LEU A 308 18.43 -25.14 -5.50
C LEU A 308 19.83 -24.51 -5.45
N ARG A 309 19.97 -23.44 -4.66
CA ARG A 309 21.24 -22.76 -4.45
C ARG A 309 21.48 -22.40 -2.98
N GLN A 310 20.47 -22.60 -2.13
CA GLN A 310 20.60 -22.38 -0.69
C GLN A 310 20.64 -23.70 0.08
N GLN A 311 20.05 -24.73 -0.50
CA GLN A 311 20.02 -26.06 0.10
C GLN A 311 21.29 -26.86 -0.24
N GLU A 312 22.08 -26.33 -1.16
CA GLU A 312 23.28 -27.01 -1.69
C GLU A 312 24.30 -27.46 -0.62
N PRO A 313 24.67 -26.57 0.33
CA PRO A 313 25.55 -26.99 1.42
C PRO A 313 25.04 -28.21 2.20
N PHE A 314 23.74 -28.28 2.43
CA PHE A 314 23.12 -29.37 3.19
C PHE A 314 22.82 -30.60 2.33
N LYS A 315 22.63 -30.38 1.03
CA LYS A 315 22.40 -31.44 0.06
C LYS A 315 23.69 -32.22 -0.19
N ALA A 316 24.78 -31.48 -0.41
CA ALA A 316 26.11 -32.06 -0.61
C ALA A 316 26.56 -32.82 0.63
N ALA A 317 26.29 -32.26 1.82
CA ALA A 317 26.62 -32.91 3.09
C ALA A 317 25.91 -34.24 3.23
N ALA A 318 24.60 -34.25 3.00
CA ALA A 318 23.77 -35.45 3.12
C ALA A 318 24.17 -36.53 2.13
N ALA A 319 24.50 -36.14 0.90
CA ALA A 319 24.92 -37.07 -0.15
C ALA A 319 26.29 -37.69 0.17
N GLU A 320 27.14 -36.91 0.82
CA GLU A 320 28.46 -37.37 1.24
C GLU A 320 28.34 -38.28 2.47
N ASN A 321 27.39 -37.96 3.35
CA ASN A 321 27.12 -38.76 4.54
C ASN A 321 26.58 -40.15 4.21
N LEU A 322 25.84 -40.24 3.11
CA LEU A 322 25.26 -41.51 2.67
C LEU A 322 26.28 -42.36 1.93
N TYR A 323 27.21 -41.70 1.24
CA TYR A 323 28.28 -42.36 0.50
C TYR A 323 29.17 -43.22 1.41
N PHE A 324 29.62 -42.64 2.53
CA PHE A 324 30.50 -43.34 3.48
C PHE A 324 29.71 -43.98 4.63
N GLN A 325 28.41 -44.13 4.43
CA GLN A 325 27.52 -44.66 5.46
C GLN A 325 27.74 -46.16 5.66
#